data_2ZG6
#
_entry.id   2ZG6
#
_cell.length_a   104.790
_cell.length_b   104.790
_cell.length_c   70.260
_cell.angle_alpha   90.00
_cell.angle_beta   90.00
_cell.angle_gamma   120.00
#
_symmetry.space_group_name_H-M   'P 32'
#
loop_
_entity.id
_entity.type
_entity.pdbx_description
1 polymer 'Putative uncharacterized protein ST2620'
2 water water
#
_entity_poly.entity_id   1
_entity_poly.type   'polypeptide(L)'
_entity_poly.pdbx_seq_one_letter_code
;(MSE)KYKAVLVDFGNTLVGFKPVFYEKVYQVLKDNGYDLDLRKVFRAYAKA(MSE)G(MSE)INYPDEDGLEHVDPKDF
LYILGIYPSERLVKELKEADIRDGEAFLYDDTLEFLEGLKSNGYKLALVSNASPRVKTLLEKFDLKKYFDALALSYEIKA
VKPNPKIFGFALAKVGYPAVHVGDIYELDYIGAKRSYVDPILLDRYDFYPDVRDRVKNLREALQKIEE(MSE)NKE
;
_entity_poly.pdbx_strand_id   A,B
#
# COMPACT_ATOMS: atom_id res chain seq x y z
N LYS A 2 4.57 -14.92 19.71
CA LYS A 2 5.26 -14.44 18.54
C LYS A 2 4.95 -12.92 18.29
N TYR A 3 3.67 -12.54 18.28
CA TYR A 3 3.28 -11.17 17.91
C TYR A 3 2.97 -10.31 19.13
N LYS A 4 3.78 -9.28 19.32
CA LYS A 4 3.62 -8.40 20.44
C LYS A 4 2.51 -7.36 20.30
N ALA A 5 2.15 -7.04 19.05
CA ALA A 5 1.46 -5.81 18.72
C ALA A 5 0.59 -5.99 17.49
N VAL A 6 -0.49 -5.24 17.43
CA VAL A 6 -1.40 -5.20 16.33
C VAL A 6 -1.53 -3.76 15.92
N LEU A 7 -1.34 -3.52 14.62
CA LEU A 7 -1.58 -2.23 14.03
C LEU A 7 -2.88 -2.29 13.27
N VAL A 8 -3.70 -1.25 13.41
CA VAL A 8 -4.99 -1.28 12.80
C VAL A 8 -5.21 0.04 12.04
N ASP A 9 -5.82 -0.09 10.86
CA ASP A 9 -6.27 1.03 10.07
C ASP A 9 -7.55 1.63 10.68
N PHE A 10 -8.04 2.72 10.10
CA PHE A 10 -9.19 3.41 10.65
C PHE A 10 -10.38 3.18 9.73
N GLY A 11 -10.45 3.86 8.60
CA GLY A 11 -11.61 3.69 7.71
C GLY A 11 -11.74 2.28 7.16
N ASN A 12 -12.99 1.82 7.00
CA ASN A 12 -13.32 0.48 6.57
C ASN A 12 -12.78 -0.60 7.51
N THR A 13 -12.12 -0.18 8.58
CA THR A 13 -11.62 -1.14 9.56
C THR A 13 -12.35 -1.05 10.89
N LEU A 14 -12.14 0.07 11.57
CA LEU A 14 -12.78 0.36 12.83
C LEU A 14 -14.07 1.13 12.60
N VAL A 15 -14.01 2.11 11.70
CA VAL A 15 -15.07 3.07 11.48
C VAL A 15 -15.41 3.09 9.96
N GLY A 16 -16.70 3.11 9.63
CA GLY A 16 -17.22 3.25 8.27
C GLY A 16 -17.70 4.66 8.00
N PHE A 17 -17.89 4.96 6.73
CA PHE A 17 -18.41 6.22 6.29
C PHE A 17 -19.40 5.92 5.19
N LYS A 18 -20.46 6.72 5.17
CA LYS A 18 -21.41 6.65 4.12
C LYS A 18 -21.95 8.04 3.79
N PRO A 19 -22.44 8.24 2.56
CA PRO A 19 -23.12 9.53 2.37
C PRO A 19 -24.40 9.57 3.25
N VAL A 20 -24.76 10.78 3.72
CA VAL A 20 -25.93 10.91 4.60
C VAL A 20 -27.15 10.40 3.81
N PHE A 21 -27.28 10.83 2.57
CA PHE A 21 -28.35 10.36 1.73
C PHE A 21 -27.91 9.23 0.80
N TYR A 22 -27.51 8.11 1.40
CA TYR A 22 -26.95 6.95 0.70
C TYR A 22 -27.94 6.29 -0.25
N GLU A 23 -29.22 6.34 0.07
CA GLU A 23 -30.20 5.66 -0.77
C GLU A 23 -30.40 6.46 -2.04
N LYS A 24 -30.28 7.77 -1.93
CA LYS A 24 -30.29 8.67 -3.05
C LYS A 24 -29.06 8.54 -3.95
N VAL A 25 -27.87 8.47 -3.36
CA VAL A 25 -26.63 8.19 -4.08
C VAL A 25 -26.75 6.83 -4.80
N TYR A 26 -27.24 5.83 -4.09
CA TYR A 26 -27.48 4.53 -4.66
C TYR A 26 -28.40 4.64 -5.89
N GLN A 27 -29.46 5.42 -5.76
CA GLN A 27 -30.43 5.54 -6.83
C GLN A 27 -29.86 6.29 -8.05
N VAL A 28 -28.96 7.22 -7.81
CA VAL A 28 -28.35 7.96 -8.90
C VAL A 28 -27.38 7.08 -9.74
N LEU A 29 -26.57 6.28 -9.07
CA LEU A 29 -25.67 5.37 -9.73
C LEU A 29 -26.48 4.39 -10.59
N LYS A 30 -27.50 3.79 -9.97
CA LYS A 30 -28.35 2.87 -10.65
C LYS A 30 -28.99 3.53 -11.87
N ASP A 31 -29.58 4.71 -11.72
CA ASP A 31 -30.14 5.42 -12.85
C ASP A 31 -29.17 5.62 -13.99
N ASN A 32 -27.89 5.76 -13.70
CA ASN A 32 -26.89 5.94 -14.77
C ASN A 32 -26.30 4.61 -15.19
N GLY A 33 -26.97 3.52 -14.89
CA GLY A 33 -26.49 2.18 -15.27
C GLY A 33 -25.44 1.49 -14.40
N TYR A 34 -25.29 1.90 -13.14
CA TYR A 34 -24.41 1.16 -12.25
C TYR A 34 -25.23 0.70 -11.09
N ASP A 35 -25.70 -0.53 -11.13
CA ASP A 35 -26.45 -1.06 -10.01
C ASP A 35 -25.43 -1.73 -9.09
N LEU A 36 -25.13 -1.02 -8.00
CA LEU A 36 -24.20 -1.47 -6.98
C LEU A 36 -25.01 -1.47 -5.73
N ASP A 37 -24.77 -2.45 -4.88
CA ASP A 37 -25.44 -2.36 -3.63
C ASP A 37 -24.72 -1.38 -2.64
N LEU A 38 -25.29 -1.20 -1.47
CA LEU A 38 -24.93 -0.13 -0.58
C LEU A 38 -23.56 -0.36 0.11
N ARG A 39 -23.18 -1.63 0.30
CA ARG A 39 -21.86 -2.01 0.77
C ARG A 39 -20.78 -1.43 -0.16
N LYS A 40 -21.04 -1.47 -1.47
CA LYS A 40 -20.06 -0.98 -2.46
C LYS A 40 -19.96 0.53 -2.43
N VAL A 41 -21.11 1.16 -2.22
CA VAL A 41 -21.16 2.59 -2.04
C VAL A 41 -20.36 2.98 -0.82
N PHE A 42 -20.57 2.31 0.30
CA PHE A 42 -19.93 2.69 1.56
C PHE A 42 -18.44 2.45 1.47
N ARG A 43 -18.01 1.37 0.80
CA ARG A 43 -16.59 1.09 0.67
C ARG A 43 -15.84 2.24 0.04
N ALA A 44 -16.36 2.68 -1.10
CA ALA A 44 -15.78 3.73 -1.94
C ALA A 44 -15.84 5.06 -1.27
N TYR A 45 -16.94 5.31 -0.58
CA TYR A 45 -17.10 6.58 0.07
C TYR A 45 -16.10 6.76 1.22
N ALA A 46 -15.82 5.72 1.99
CA ALA A 46 -14.78 5.86 3.02
C ALA A 46 -13.40 6.13 2.37
N LYS A 47 -13.09 5.51 1.22
CA LYS A 47 -11.84 5.82 0.49
C LYS A 47 -11.84 7.24 -0.02
N ALA A 48 -12.96 7.70 -0.57
CA ALA A 48 -13.03 9.08 -1.00
C ALA A 48 -12.79 10.05 0.17
N GLY A 50 -10.57 10.10 2.24
CA GLY A 50 -9.12 10.35 2.38
C GLY A 50 -8.46 11.28 1.35
N ILE A 52 -9.76 14.27 0.36
CA ILE A 52 -10.38 15.61 0.49
C ILE A 52 -9.34 16.58 1.07
N ASN A 53 -9.06 17.69 0.38
CA ASN A 53 -7.92 18.54 0.76
C ASN A 53 -8.18 19.37 2.02
N TYR A 54 -8.61 18.68 3.10
CA TYR A 54 -9.28 19.28 4.27
C TYR A 54 -10.07 20.54 3.90
N LEU A 60 -15.91 19.81 8.75
CA LEU A 60 -15.46 20.15 7.40
C LEU A 60 -14.80 18.92 6.77
N GLU A 61 -15.57 17.87 6.56
CA GLU A 61 -15.07 16.60 6.02
C GLU A 61 -15.29 16.53 4.51
N HIS A 62 -16.56 16.34 4.12
CA HIS A 62 -17.12 16.64 2.78
C HIS A 62 -16.53 16.12 1.46
N VAL A 63 -16.80 14.84 1.13
CA VAL A 63 -16.20 14.25 -0.06
C VAL A 63 -16.56 14.92 -1.40
N ASP A 64 -15.60 14.90 -2.32
CA ASP A 64 -15.79 15.34 -3.67
C ASP A 64 -16.34 14.17 -4.50
N PRO A 65 -17.39 14.41 -5.31
CA PRO A 65 -18.02 13.31 -6.07
C PRO A 65 -17.15 12.69 -7.18
N LYS A 66 -16.15 13.43 -7.66
CA LYS A 66 -15.25 12.89 -8.67
C LYS A 66 -14.29 11.89 -8.04
N ASP A 67 -13.76 12.21 -6.85
CA ASP A 67 -13.01 11.24 -6.07
C ASP A 67 -13.80 9.95 -5.80
N PHE A 68 -15.09 10.08 -5.54
CA PHE A 68 -15.87 8.90 -5.21
C PHE A 68 -16.06 8.00 -6.45
N LEU A 69 -16.31 8.62 -7.59
CA LEU A 69 -16.34 7.92 -8.90
C LEU A 69 -14.99 7.30 -9.29
N TYR A 70 -13.91 8.05 -9.09
CA TYR A 70 -12.56 7.56 -9.31
C TYR A 70 -12.36 6.27 -8.56
N ILE A 71 -12.62 6.26 -7.25
CA ILE A 71 -12.43 5.03 -6.49
C ILE A 71 -13.32 3.91 -7.04
N LEU A 72 -14.45 4.28 -7.61
CA LEU A 72 -15.37 3.28 -8.07
C LEU A 72 -14.93 2.77 -9.46
N GLY A 73 -14.01 3.46 -10.12
CA GLY A 73 -13.61 3.08 -11.46
C GLY A 73 -14.60 3.56 -12.49
N ILE A 74 -15.37 4.61 -12.16
CA ILE A 74 -16.44 5.11 -13.01
C ILE A 74 -16.08 6.47 -13.56
N TYR A 75 -16.47 6.68 -14.82
CA TYR A 75 -16.05 7.88 -15.49
C TYR A 75 -16.94 9.05 -15.07
N PRO A 76 -16.34 10.18 -14.69
CA PRO A 76 -17.05 11.38 -14.24
C PRO A 76 -18.02 12.07 -15.25
N SER A 77 -18.98 11.34 -15.83
CA SER A 77 -20.05 11.97 -16.60
C SER A 77 -20.37 13.35 -16.04
N GLU A 78 -20.24 14.34 -16.91
CA GLU A 78 -20.91 15.64 -16.76
C GLU A 78 -22.15 15.51 -15.84
N ARG A 79 -23.07 14.63 -16.25
CA ARG A 79 -24.39 14.42 -15.62
C ARG A 79 -24.33 13.68 -14.28
N LEU A 80 -23.65 12.53 -14.24
CA LEU A 80 -23.48 11.79 -12.99
C LEU A 80 -23.01 12.69 -11.87
N VAL A 81 -21.98 13.47 -12.14
CA VAL A 81 -21.43 14.37 -11.16
C VAL A 81 -22.48 15.38 -10.71
N LYS A 82 -23.31 15.84 -11.64
CA LYS A 82 -24.35 16.82 -11.32
C LYS A 82 -25.37 16.18 -10.41
N GLU A 83 -25.82 15.00 -10.78
CA GLU A 83 -26.83 14.34 -10.01
C GLU A 83 -26.33 13.93 -8.61
N LEU A 84 -25.04 13.67 -8.45
CA LEU A 84 -24.45 13.27 -7.17
C LEU A 84 -24.35 14.46 -6.24
N LYS A 85 -23.95 15.62 -6.82
CA LYS A 85 -24.02 16.90 -6.11
C LYS A 85 -25.46 17.18 -5.65
N GLU A 86 -26.43 16.91 -6.50
CA GLU A 86 -27.83 17.12 -6.13
C GLU A 86 -28.21 16.21 -4.98
N ALA A 87 -27.63 15.01 -5.00
CA ALA A 87 -27.88 13.99 -4.01
C ALA A 87 -27.15 14.31 -2.70
N ASP A 88 -26.41 15.41 -2.69
CA ASP A 88 -25.73 15.90 -1.49
C ASP A 88 -24.60 14.97 -1.06
N ILE A 89 -23.93 14.37 -2.03
CA ILE A 89 -22.88 13.38 -1.74
C ILE A 89 -21.76 13.92 -0.84
N ARG A 90 -21.52 15.22 -0.86
CA ARG A 90 -20.47 15.78 -0.04
C ARG A 90 -20.74 15.62 1.46
N ASP A 91 -21.99 15.39 1.85
CA ASP A 91 -22.33 15.23 3.28
C ASP A 91 -22.27 13.78 3.69
N GLY A 92 -21.33 13.46 4.56
CA GLY A 92 -21.19 12.10 4.99
C GLY A 92 -21.43 11.92 6.46
N GLU A 93 -21.38 10.67 6.91
CA GLU A 93 -21.37 10.38 8.34
C GLU A 93 -20.41 9.20 8.66
N ALA A 94 -19.87 9.19 9.88
CA ALA A 94 -19.13 8.08 10.38
C ALA A 94 -20.02 7.15 11.16
N PHE A 95 -19.77 5.86 11.10
CA PHE A 95 -20.47 4.94 11.99
C PHE A 95 -19.45 3.94 12.55
N LEU A 96 -19.63 3.46 13.77
CA LEU A 96 -18.73 2.47 14.35
C LEU A 96 -19.19 1.06 13.98
N TYR A 97 -18.29 0.17 13.55
CA TYR A 97 -18.70 -1.21 13.32
C TYR A 97 -19.06 -1.81 14.67
N ASP A 98 -20.07 -2.66 14.66
CA ASP A 98 -20.51 -3.51 15.80
C ASP A 98 -19.48 -4.22 16.60
N ASP A 99 -18.37 -4.55 15.95
CA ASP A 99 -17.45 -5.48 16.55
C ASP A 99 -16.21 -4.72 17.00
N THR A 100 -16.18 -3.43 16.73
CA THR A 100 -14.95 -2.66 17.01
C THR A 100 -14.49 -2.58 18.47
N LEU A 101 -15.33 -2.04 19.36
CA LEU A 101 -15.00 -1.97 20.80
C LEU A 101 -14.59 -3.36 21.34
N GLU A 102 -15.36 -4.38 20.98
CA GLU A 102 -15.12 -5.74 21.45
C GLU A 102 -13.78 -6.22 21.01
N PHE A 103 -13.41 -5.91 19.75
CA PHE A 103 -12.17 -6.38 19.16
C PHE A 103 -10.99 -5.75 19.89
N LEU A 104 -11.07 -4.43 20.09
CA LEU A 104 -9.97 -3.66 20.64
C LEU A 104 -9.75 -4.04 22.08
N GLU A 105 -10.82 -4.01 22.86
CA GLU A 105 -10.81 -4.51 24.26
C GLU A 105 -10.23 -5.93 24.37
N GLY A 106 -10.62 -6.81 23.45
CA GLY A 106 -10.16 -8.19 23.47
C GLY A 106 -8.69 -8.33 23.28
N LEU A 107 -8.15 -7.61 22.29
CA LEU A 107 -6.74 -7.66 22.00
C LEU A 107 -5.92 -7.09 23.18
N LYS A 108 -6.35 -5.92 23.64
CA LYS A 108 -5.74 -5.22 24.74
C LYS A 108 -5.71 -6.07 26.00
N SER A 109 -6.82 -6.72 26.29
CA SER A 109 -6.87 -7.42 27.54
C SER A 109 -6.22 -8.82 27.38
N ASN A 110 -5.75 -9.15 26.18
CA ASN A 110 -5.04 -10.41 25.93
C ASN A 110 -3.56 -10.18 25.63
N GLY A 111 -3.11 -8.98 25.98
CA GLY A 111 -1.70 -8.70 26.07
C GLY A 111 -1.05 -8.09 24.86
N TYR A 112 -1.84 -7.61 23.90
CA TYR A 112 -1.29 -7.01 22.67
C TYR A 112 -1.14 -5.55 22.93
N LYS A 113 -0.07 -4.94 22.43
CA LYS A 113 -0.04 -3.46 22.33
C LYS A 113 -0.72 -3.06 21.00
N LEU A 114 -1.35 -1.90 20.95
CA LEU A 114 -2.12 -1.49 19.79
C LEU A 114 -1.69 -0.14 19.31
N ALA A 115 -1.52 -0.01 18.00
CA ALA A 115 -1.29 1.26 17.32
C ALA A 115 -2.37 1.51 16.30
N LEU A 116 -2.74 2.76 16.19
CA LEU A 116 -3.65 3.19 15.17
C LEU A 116 -2.83 3.85 14.03
N VAL A 117 -3.16 3.48 12.79
CA VAL A 117 -2.46 3.99 11.62
C VAL A 117 -3.50 4.71 10.76
N SER A 118 -3.31 6.02 10.55
CA SER A 118 -4.34 6.82 9.92
C SER A 118 -3.84 8.12 9.31
N ASN A 119 -4.66 8.77 8.48
CA ASN A 119 -4.35 10.12 7.93
C ASN A 119 -4.83 11.32 8.74
N ALA A 120 -5.98 11.88 8.34
CA ALA A 120 -6.39 13.28 8.63
C ALA A 120 -6.55 13.60 10.12
N SER A 121 -5.46 13.95 10.81
CA SER A 121 -5.52 13.86 12.28
C SER A 121 -6.67 14.63 13.00
N PRO A 122 -6.94 15.91 12.63
CA PRO A 122 -8.02 16.59 13.40
C PRO A 122 -9.37 15.83 13.33
N ARG A 123 -9.87 15.52 12.12
CA ARG A 123 -11.09 14.67 11.97
C ARG A 123 -11.03 13.32 12.70
N VAL A 124 -9.90 12.63 12.55
CA VAL A 124 -9.76 11.32 13.11
C VAL A 124 -9.73 11.41 14.63
N LYS A 125 -9.08 12.46 15.17
CA LYS A 125 -9.07 12.74 16.63
C LYS A 125 -10.46 12.94 17.22
N THR A 126 -11.21 13.85 16.62
CA THR A 126 -12.63 14.02 16.94
C THR A 126 -13.35 12.67 17.07
N LEU A 127 -13.15 11.78 16.09
CA LEU A 127 -13.95 10.54 15.99
C LEU A 127 -13.49 9.53 16.99
N LEU A 128 -12.19 9.43 17.16
CA LEU A 128 -11.58 8.74 18.31
C LEU A 128 -12.21 9.16 19.68
N GLU A 129 -12.38 10.47 19.85
CA GLU A 129 -13.06 11.04 21.03
C GLU A 129 -14.51 10.59 21.06
N LYS A 130 -15.21 10.88 19.96
CA LYS A 130 -16.60 10.55 19.85
C LYS A 130 -16.89 9.08 20.15
N PHE A 131 -16.16 8.14 19.58
CA PHE A 131 -16.50 6.72 19.76
C PHE A 131 -15.77 6.09 20.96
N ASP A 132 -14.99 6.92 21.64
CA ASP A 132 -14.32 6.50 22.84
C ASP A 132 -13.34 5.38 22.49
N LEU A 133 -12.55 5.60 21.45
CA LEU A 133 -11.61 4.58 20.96
C LEU A 133 -10.18 4.85 21.41
N LYS A 134 -9.88 6.10 21.64
CA LYS A 134 -8.54 6.50 22.06
C LYS A 134 -7.89 5.68 23.19
N LYS A 135 -8.63 5.36 24.25
CA LYS A 135 -8.10 4.64 25.41
C LYS A 135 -7.44 3.31 25.07
N TYR A 136 -7.76 2.77 23.91
CA TYR A 136 -7.24 1.45 23.61
C TYR A 136 -5.83 1.47 23.03
N PHE A 137 -5.36 2.62 22.56
CA PHE A 137 -4.17 2.66 21.73
C PHE A 137 -2.89 3.02 22.48
N ASP A 138 -1.87 2.19 22.39
CA ASP A 138 -0.56 2.57 22.88
C ASP A 138 0.18 3.54 21.96
N ALA A 139 -0.24 3.66 20.71
CA ALA A 139 0.40 4.62 19.80
C ALA A 139 -0.60 4.95 18.74
N LEU A 140 -0.56 6.21 18.31
CA LEU A 140 -1.31 6.74 17.19
C LEU A 140 -0.29 7.17 16.14
N ALA A 141 -0.31 6.53 14.97
CA ALA A 141 0.54 6.94 13.87
C ALA A 141 -0.23 7.90 12.95
N PRO A 153 3.87 8.05 4.63
CA PRO A 153 3.92 8.54 6.02
C PRO A 153 5.03 7.84 6.88
N LYS A 154 5.50 8.53 7.92
CA LYS A 154 6.74 8.18 8.62
C LYS A 154 6.60 8.10 10.16
N ILE A 155 5.55 8.73 10.69
CA ILE A 155 5.16 8.48 12.07
C ILE A 155 4.91 6.96 12.23
N PHE A 156 4.74 6.26 11.11
CA PHE A 156 4.62 4.79 11.07
C PHE A 156 5.64 4.00 11.85
N GLY A 157 6.89 4.21 11.54
CA GLY A 157 7.96 3.45 12.20
C GLY A 157 8.22 3.91 13.61
N PHE A 158 7.80 5.12 13.96
CA PHE A 158 7.96 5.51 15.35
C PHE A 158 6.97 4.67 16.14
N ALA A 159 5.71 4.65 15.66
CA ALA A 159 4.62 3.88 16.27
C ALA A 159 4.97 2.40 16.43
N LEU A 160 5.47 1.84 15.34
CA LEU A 160 5.91 0.46 15.32
C LEU A 160 6.98 0.18 16.34
N ALA A 161 7.99 1.03 16.38
CA ALA A 161 9.09 0.89 17.34
C ALA A 161 8.52 0.91 18.78
N LYS A 162 7.66 1.89 19.08
CA LYS A 162 6.94 1.93 20.35
C LYS A 162 6.18 0.65 20.71
N VAL A 163 5.27 0.18 19.86
CA VAL A 163 4.45 -0.97 20.26
C VAL A 163 5.18 -2.32 20.17
N GLY A 164 6.31 -2.34 19.47
CA GLY A 164 7.11 -3.53 19.34
C GLY A 164 6.74 -4.40 18.15
N TYR A 165 7.59 -5.38 17.85
CA TYR A 165 7.42 -6.26 16.72
C TYR A 165 7.97 -7.65 17.10
N PRO A 166 7.65 -8.70 16.33
CA PRO A 166 6.80 -8.67 15.13
C PRO A 166 5.39 -8.14 15.46
N ALA A 167 4.78 -7.47 14.49
CA ALA A 167 3.44 -6.99 14.64
C ALA A 167 2.54 -7.46 13.47
N VAL A 168 1.23 -7.37 13.68
CA VAL A 168 0.23 -7.73 12.70
C VAL A 168 -0.49 -6.47 12.34
N HIS A 169 -0.67 -6.24 11.04
CA HIS A 169 -1.36 -5.10 10.52
C HIS A 169 -2.69 -5.58 9.97
N VAL A 170 -3.76 -5.15 10.61
CA VAL A 170 -5.11 -5.40 10.16
C VAL A 170 -5.56 -4.17 9.41
N GLY A 171 -5.94 -4.37 8.17
CA GLY A 171 -6.33 -3.27 7.32
C GLY A 171 -7.19 -3.65 6.15
N ASP A 172 -7.82 -2.66 5.59
CA ASP A 172 -8.84 -2.89 4.60
C ASP A 172 -8.19 -2.78 3.23
N ILE A 173 -6.94 -2.32 3.21
CA ILE A 173 -6.11 -2.08 2.04
C ILE A 173 -4.98 -1.16 2.52
N TYR A 174 -4.17 -1.64 3.47
CA TYR A 174 -2.88 -0.99 3.90
C TYR A 174 -1.74 -1.97 3.49
N GLU A 175 -2.17 -3.23 3.34
CA GLU A 175 -1.54 -4.19 2.48
C GLU A 175 -0.21 -4.60 3.07
N LEU A 176 0.93 -4.14 2.55
CA LEU A 176 2.24 -4.75 2.99
C LEU A 176 3.24 -3.71 3.42
N ASP A 177 3.79 -3.85 4.62
CA ASP A 177 4.69 -2.84 5.15
C ASP A 177 6.12 -3.26 5.01
N TYR A 178 6.99 -2.26 5.04
CA TYR A 178 8.33 -2.48 4.54
C TYR A 178 9.45 -1.94 5.45
N ILE A 179 9.13 -1.72 6.72
CA ILE A 179 10.14 -1.52 7.73
C ILE A 179 10.79 -2.86 8.17
N GLY A 180 12.12 -2.92 8.25
CA GLY A 180 12.76 -4.13 8.77
C GLY A 180 14.13 -4.29 8.21
N ALA A 181 14.95 -5.11 8.87
CA ALA A 181 16.33 -5.33 8.40
C ALA A 181 16.44 -6.59 7.58
N LYS A 182 16.44 -7.77 8.20
CA LYS A 182 16.43 -9.00 7.39
C LYS A 182 15.07 -9.38 6.83
N ARG A 183 14.00 -8.80 7.36
CA ARG A 183 12.68 -9.40 7.25
C ARG A 183 11.71 -8.33 7.60
N SER A 184 10.56 -8.36 6.94
CA SER A 184 9.48 -7.46 7.32
C SER A 184 9.11 -7.62 8.81
N TYR A 185 9.00 -6.51 9.52
CA TYR A 185 8.54 -6.52 10.93
C TYR A 185 7.02 -6.60 11.17
N VAL A 186 6.23 -6.72 10.11
CA VAL A 186 4.79 -6.55 10.16
C VAL A 186 4.19 -7.50 9.16
N ASP A 187 3.37 -8.45 9.64
CA ASP A 187 2.60 -9.32 8.81
C ASP A 187 1.16 -8.81 8.65
N PRO A 188 0.62 -8.80 7.43
CA PRO A 188 -0.72 -8.26 7.24
C PRO A 188 -1.90 -9.24 7.41
N ILE A 189 -3.05 -8.68 7.74
CA ILE A 189 -4.31 -9.36 7.57
C ILE A 189 -5.17 -8.44 6.74
N LEU A 190 -5.72 -8.94 5.67
CA LEU A 190 -6.67 -8.17 4.92
C LEU A 190 -8.07 -8.33 5.47
N LEU A 191 -8.62 -7.23 5.97
CA LEU A 191 -10.03 -7.26 6.40
C LEU A 191 -10.89 -6.62 5.31
N ASP A 192 -11.87 -7.36 4.84
CA ASP A 192 -12.64 -6.99 3.67
C ASP A 192 -14.11 -7.01 4.05
N ARG A 193 -14.63 -5.89 4.57
CA ARG A 193 -15.98 -5.99 5.15
C ARG A 193 -17.03 -6.08 4.05
N TYR A 194 -16.69 -5.55 2.88
CA TYR A 194 -17.70 -5.34 1.87
C TYR A 194 -17.58 -6.30 0.67
N ASP A 195 -16.90 -7.42 0.83
CA ASP A 195 -16.75 -8.43 -0.23
C ASP A 195 -16.21 -7.82 -1.53
N PHE A 196 -15.15 -7.05 -1.40
CA PHE A 196 -14.53 -6.39 -2.50
C PHE A 196 -13.29 -7.12 -3.06
N TYR A 197 -12.75 -8.04 -2.29
CA TYR A 197 -11.53 -8.73 -2.67
C TYR A 197 -11.78 -10.22 -2.71
N PRO A 198 -12.69 -10.65 -3.60
CA PRO A 198 -12.97 -12.07 -3.60
C PRO A 198 -11.77 -12.88 -4.07
N ASP A 199 -10.83 -12.31 -4.83
CA ASP A 199 -9.69 -13.10 -5.32
C ASP A 199 -8.51 -13.17 -4.34
N VAL A 200 -8.66 -12.61 -3.14
CA VAL A 200 -7.64 -12.76 -2.07
C VAL A 200 -8.20 -13.73 -1.06
N ARG A 201 -7.53 -14.86 -0.82
CA ARG A 201 -7.97 -15.66 0.35
C ARG A 201 -6.96 -15.57 1.48
N ASP A 202 -7.33 -16.08 2.64
CA ASP A 202 -6.62 -15.71 3.87
C ASP A 202 -7.25 -14.37 4.31
N ARG A 203 -8.18 -13.79 3.52
CA ARG A 203 -8.86 -12.58 4.00
C ARG A 203 -9.87 -12.89 5.11
N VAL A 204 -10.26 -11.88 5.88
CA VAL A 204 -11.30 -12.04 6.89
C VAL A 204 -12.42 -11.10 6.59
N LYS A 205 -13.65 -11.39 7.01
CA LYS A 205 -14.71 -10.47 6.68
C LYS A 205 -15.22 -9.57 7.85
N ASN A 206 -14.76 -9.80 9.06
CA ASN A 206 -15.15 -8.96 10.17
C ASN A 206 -14.07 -9.14 11.24
N LEU A 207 -14.21 -8.45 12.37
CA LEU A 207 -13.11 -8.48 13.35
C LEU A 207 -13.15 -9.70 14.28
N ARG A 208 -14.26 -10.45 14.29
CA ARG A 208 -14.29 -11.77 14.89
C ARG A 208 -13.34 -12.68 14.18
N GLU A 209 -13.51 -12.82 12.86
CA GLU A 209 -12.56 -13.55 12.03
C GLU A 209 -11.15 -13.02 12.16
N ALA A 210 -10.99 -11.68 12.14
CA ALA A 210 -9.65 -11.08 12.32
C ALA A 210 -9.03 -11.54 13.63
N LEU A 211 -9.80 -11.54 14.73
CA LEU A 211 -9.23 -11.99 15.99
C LEU A 211 -8.84 -13.47 15.93
N GLN A 212 -9.62 -14.29 15.23
CA GLN A 212 -9.25 -15.73 15.15
C GLN A 212 -8.02 -15.95 14.34
N LYS A 213 -7.87 -15.22 13.24
CA LYS A 213 -6.64 -15.28 12.45
C LYS A 213 -5.44 -14.79 13.28
N ILE A 214 -5.61 -13.69 14.00
CA ILE A 214 -4.51 -13.25 14.87
C ILE A 214 -4.10 -14.38 15.82
N GLU A 215 -5.09 -15.06 16.38
CA GLU A 215 -4.79 -16.07 17.37
C GLU A 215 -4.13 -17.28 16.77
N GLU A 216 -4.57 -17.66 15.57
CA GLU A 216 -3.90 -18.68 14.83
C GLU A 216 -2.43 -18.27 14.55
N ASN A 218 -0.13 -16.71 16.09
CA ASN A 218 0.87 -17.17 17.03
C ASN A 218 0.40 -18.27 17.98
N LYS B 2 -8.65 -13.86 -19.08
CA LYS B 2 -9.15 -13.15 -17.92
C LYS B 2 -8.43 -11.80 -17.77
N TYR B 3 -7.10 -11.79 -17.74
CA TYR B 3 -6.34 -10.56 -17.43
C TYR B 3 -5.82 -9.92 -18.67
N LYS B 4 -6.18 -8.67 -18.85
CA LYS B 4 -5.85 -7.93 -20.04
C LYS B 4 -4.52 -7.24 -19.89
N ALA B 5 -4.10 -7.00 -18.66
CA ALA B 5 -3.10 -5.99 -18.40
C ALA B 5 -2.31 -6.27 -17.14
N VAL B 6 -1.10 -5.77 -17.12
CA VAL B 6 -0.18 -5.95 -16.00
C VAL B 6 0.37 -4.59 -15.65
N LEU B 7 0.27 -4.26 -14.36
CA LEU B 7 0.84 -3.07 -13.83
C LEU B 7 2.04 -3.47 -13.05
N VAL B 8 3.12 -2.71 -13.18
CA VAL B 8 4.37 -3.10 -12.61
C VAL B 8 4.98 -1.86 -11.92
N ASP B 9 5.51 -2.10 -10.72
CA ASP B 9 6.24 -1.08 -9.99
C ASP B 9 7.64 -0.88 -10.59
N PHE B 10 8.40 0.07 -10.08
CA PHE B 10 9.69 0.39 -10.65
C PHE B 10 10.77 -0.17 -9.73
N GLY B 11 11.00 0.50 -8.61
CA GLY B 11 12.08 0.10 -7.69
C GLY B 11 11.86 -1.26 -7.07
N ASN B 12 12.93 -2.03 -6.91
CA ASN B 12 12.89 -3.40 -6.43
C ASN B 12 12.08 -4.34 -7.28
N THR B 13 11.54 -3.83 -8.37
CA THR B 13 10.85 -4.68 -9.35
C THR B 13 11.57 -4.80 -10.70
N LEU B 14 11.68 -3.68 -11.40
CA LEU B 14 12.37 -3.61 -12.67
C LEU B 14 13.82 -3.17 -12.51
N VAL B 15 14.04 -2.20 -11.61
CA VAL B 15 15.32 -1.56 -11.42
C VAL B 15 15.66 -1.57 -9.90
N GLY B 16 16.87 -2.00 -9.58
CA GLY B 16 17.41 -1.93 -8.21
C GLY B 16 18.24 -0.68 -8.01
N PHE B 17 18.47 -0.34 -6.76
CA PHE B 17 19.33 0.76 -6.39
C PHE B 17 20.20 0.24 -5.26
N LYS B 18 21.44 0.70 -5.27
CA LYS B 18 22.36 0.44 -4.21
C LYS B 18 23.23 1.65 -3.95
N PRO B 19 23.79 1.74 -2.74
CA PRO B 19 24.80 2.80 -2.56
C PRO B 19 26.05 2.43 -3.41
N VAL B 20 26.68 3.45 -3.99
CA VAL B 20 27.87 3.23 -4.80
C VAL B 20 28.91 2.47 -3.97
N PHE B 21 29.14 2.93 -2.74
CA PHE B 21 30.06 2.21 -1.90
C PHE B 21 29.34 1.27 -0.95
N TYR B 22 28.59 0.32 -1.52
CA TYR B 22 27.77 -0.65 -0.79
C TYR B 22 28.55 -1.48 0.20
N GLU B 23 29.79 -1.81 -0.11
CA GLU B 23 30.54 -2.71 0.74
C GLU B 23 30.99 -1.96 2.00
N LYS B 24 31.21 -0.66 1.86
CA LYS B 24 31.50 0.23 2.97
C LYS B 24 30.25 0.50 3.85
N VAL B 25 29.09 0.64 3.22
CA VAL B 25 27.83 0.72 3.95
C VAL B 25 27.59 -0.58 4.72
N TYR B 26 27.78 -1.71 4.06
CA TYR B 26 27.71 -3.00 4.69
C TYR B 26 28.62 -3.01 5.92
N GLN B 27 29.86 -2.57 5.75
CA GLN B 27 30.82 -2.62 6.85
C GLN B 27 30.47 -1.72 8.03
N VAL B 28 29.86 -0.58 7.76
CA VAL B 28 29.50 0.37 8.80
C VAL B 28 28.36 -0.15 9.66
N LEU B 29 27.34 -0.72 9.02
CA LEU B 29 26.22 -1.32 9.71
C LEU B 29 26.73 -2.47 10.55
N LYS B 30 27.57 -3.31 9.96
CA LYS B 30 28.11 -4.42 10.67
C LYS B 30 28.93 -3.92 11.88
N ASP B 31 29.78 -2.91 11.67
CA ASP B 31 30.58 -2.44 12.77
C ASP B 31 29.73 -2.02 13.95
N ASN B 32 28.51 -1.56 13.70
CA ASN B 32 27.59 -1.09 14.75
C ASN B 32 26.62 -2.17 15.17
N GLY B 33 26.96 -3.43 14.91
CA GLY B 33 26.15 -4.55 15.39
C GLY B 33 24.96 -4.96 14.54
N TYR B 34 24.88 -4.49 13.30
CA TYR B 34 23.84 -4.98 12.40
C TYR B 34 24.50 -5.71 11.27
N ASP B 35 24.58 -7.03 11.36
CA ASP B 35 25.19 -7.77 10.29
C ASP B 35 24.05 -8.26 9.37
N LEU B 36 23.90 -7.54 8.26
CA LEU B 36 22.88 -7.82 7.24
C LEU B 36 23.62 -8.11 5.99
N ASP B 37 23.07 -8.90 5.12
CA ASP B 37 23.74 -9.00 3.88
C ASP B 37 23.30 -7.89 2.84
N LEU B 38 24.00 -7.88 1.71
CA LEU B 38 23.92 -6.82 0.72
C LEU B 38 22.52 -6.72 0.06
N ARG B 39 21.88 -7.88 -0.15
CA ARG B 39 20.46 -7.93 -0.49
C ARG B 39 19.61 -7.02 0.40
N LYS B 40 19.86 -7.05 1.72
CA LYS B 40 19.06 -6.29 2.67
C LYS B 40 19.36 -4.82 2.56
N VAL B 41 20.63 -4.51 2.31
CA VAL B 41 21.05 -3.14 2.10
C VAL B 41 20.38 -2.58 0.86
N PHE B 42 20.40 -3.33 -0.23
CA PHE B 42 19.87 -2.81 -1.50
C PHE B 42 18.38 -2.65 -1.42
N ARG B 43 17.70 -3.60 -0.75
CA ARG B 43 16.26 -3.48 -0.58
C ARG B 43 15.89 -2.17 0.07
N ALA B 44 16.56 -1.84 1.18
CA ALA B 44 16.25 -0.63 1.97
C ALA B 44 16.64 0.65 1.26
N TYR B 45 17.76 0.59 0.55
CA TYR B 45 18.23 1.72 -0.21
C TYR B 45 17.28 2.12 -1.36
N ALA B 46 16.72 1.17 -2.10
CA ALA B 46 15.70 1.54 -3.12
C ALA B 46 14.50 2.21 -2.48
N LYS B 47 14.03 1.69 -1.34
CA LYS B 47 12.94 2.34 -0.58
C LYS B 47 13.31 3.71 -0.10
N ALA B 48 14.52 3.88 0.44
CA ALA B 48 14.93 5.24 0.81
C ALA B 48 14.94 6.20 -0.40
N GLY B 50 12.56 6.79 -2.53
CA GLY B 50 11.26 7.52 -2.58
C GLY B 50 11.05 8.66 -1.56
N ILE B 52 13.23 11.22 -0.67
CA ILE B 52 14.17 12.37 -0.81
C ILE B 52 13.48 13.58 -1.48
N ASN B 53 13.52 14.75 -0.83
CA ASN B 53 12.72 15.91 -1.27
C ASN B 53 13.09 16.54 -2.65
N TYR B 54 14.14 16.02 -3.28
CA TYR B 54 14.45 16.33 -4.68
C TYR B 54 13.25 16.06 -5.60
N LEU B 60 20.52 14.16 -9.60
CA LEU B 60 20.59 14.50 -8.18
C LEU B 60 19.51 13.68 -7.46
N GLU B 61 19.93 12.53 -6.93
CA GLU B 61 19.02 11.53 -6.36
C GLU B 61 19.18 11.56 -4.84
N HIS B 62 20.36 11.13 -4.41
CA HIS B 62 20.95 11.40 -3.09
C HIS B 62 20.21 11.07 -1.79
N VAL B 63 20.21 9.77 -1.44
CA VAL B 63 19.47 9.35 -0.27
C VAL B 63 20.00 9.95 1.05
N ASP B 64 19.05 10.17 1.95
CA ASP B 64 19.34 10.57 3.31
C ASP B 64 19.62 9.33 4.16
N PRO B 65 20.71 9.34 4.92
CA PRO B 65 20.97 8.15 5.76
C PRO B 65 19.94 7.88 6.88
N LYS B 66 19.24 8.89 7.38
CA LYS B 66 18.17 8.65 8.37
C LYS B 66 17.00 7.89 7.74
N ASP B 67 16.55 8.28 6.54
CA ASP B 67 15.53 7.51 5.78
C ASP B 67 15.96 6.07 5.57
N PHE B 68 17.24 5.84 5.38
CA PHE B 68 17.71 4.50 5.07
C PHE B 68 17.66 3.65 6.32
N LEU B 69 18.03 4.21 7.44
CA LEU B 69 17.89 3.58 8.77
C LEU B 69 16.42 3.38 9.20
N TYR B 70 15.60 4.38 8.94
CA TYR B 70 14.16 4.29 9.18
C TYR B 70 13.65 3.05 8.47
N ILE B 71 13.92 2.92 7.17
CA ILE B 71 13.45 1.76 6.45
C ILE B 71 13.98 0.44 7.05
N LEU B 72 15.20 0.48 7.53
CA LEU B 72 15.80 -0.74 8.07
C LEU B 72 15.20 -1.05 9.46
N GLY B 73 14.51 -0.07 10.06
CA GLY B 73 14.00 -0.24 11.40
C GLY B 73 15.08 -0.03 12.43
N ILE B 74 16.10 0.75 12.11
CA ILE B 74 17.25 0.94 12.98
C ILE B 74 17.24 2.35 13.53
N TYR B 75 17.62 2.46 14.80
CA TYR B 75 17.65 3.75 15.43
C TYR B 75 18.84 4.55 14.93
N PRO B 76 18.60 5.79 14.49
CA PRO B 76 19.69 6.66 13.98
C PRO B 76 20.74 7.22 14.98
N SER B 77 21.69 6.41 15.46
CA SER B 77 22.79 6.91 16.31
C SER B 77 23.39 8.19 15.74
N GLU B 78 23.92 9.05 16.61
CA GLU B 78 24.80 10.16 16.19
C GLU B 78 25.81 9.57 15.24
N ARG B 79 26.51 8.55 15.74
CA ARG B 79 27.65 7.89 15.12
C ARG B 79 27.29 7.10 13.86
N LEU B 80 26.21 6.30 13.91
CA LEU B 80 25.78 5.52 12.75
C LEU B 80 25.59 6.45 11.59
N VAL B 81 24.79 7.48 11.79
CA VAL B 81 24.55 8.50 10.78
C VAL B 81 25.85 9.15 10.27
N LYS B 82 26.79 9.40 11.17
CA LYS B 82 28.08 10.03 10.83
C LYS B 82 28.91 9.09 9.96
N GLU B 83 29.01 7.85 10.37
CA GLU B 83 29.72 6.84 9.63
C GLU B 83 29.14 6.54 8.24
N LEU B 84 27.82 6.64 8.08
CA LEU B 84 27.16 6.44 6.80
C LEU B 84 27.42 7.57 5.84
N LYS B 85 27.45 8.80 6.37
CA LYS B 85 27.82 9.97 5.59
C LYS B 85 29.27 9.83 5.13
N GLU B 86 30.14 9.37 6.02
CA GLU B 86 31.52 9.15 5.66
C GLU B 86 31.63 8.11 4.58
N ALA B 87 30.71 7.14 4.62
CA ALA B 87 30.68 6.03 3.66
C ALA B 87 30.07 6.48 2.34
N ASP B 88 29.66 7.74 2.30
CA ASP B 88 29.14 8.37 1.07
C ASP B 88 27.78 7.77 0.70
N ILE B 89 26.98 7.45 1.72
CA ILE B 89 25.71 6.76 1.48
C ILE B 89 24.76 7.51 0.53
N ARG B 90 24.88 8.83 0.47
CA ARG B 90 24.03 9.64 -0.41
C ARG B 90 24.25 9.36 -1.90
N ASP B 91 25.40 8.81 -2.26
CA ASP B 91 25.67 8.41 -3.65
C ASP B 91 25.17 7.03 -3.99
N GLY B 92 24.20 6.97 -4.87
CA GLY B 92 23.69 5.68 -5.27
C GLY B 92 23.82 5.38 -6.74
N GLU B 93 23.38 4.19 -7.15
CA GLU B 93 23.33 3.86 -8.58
C GLU B 93 22.13 2.95 -8.88
N ALA B 94 21.56 3.10 -10.07
CA ALA B 94 20.51 2.21 -10.51
C ALA B 94 21.12 1.04 -11.23
N PHE B 95 20.55 -0.13 -11.14
CA PHE B 95 20.95 -1.22 -12.02
C PHE B 95 19.70 -1.94 -12.53
N LEU B 96 19.76 -2.55 -13.70
CA LEU B 96 18.61 -3.28 -14.23
C LEU B 96 18.67 -4.77 -13.83
N TYR B 97 17.56 -5.34 -13.37
CA TYR B 97 17.59 -6.77 -13.11
C TYR B 97 17.76 -7.47 -14.47
N ASP B 98 18.48 -8.58 -14.42
CA ASP B 98 18.65 -9.53 -15.53
C ASP B 98 17.45 -10.00 -16.28
N ASP B 99 16.32 -10.01 -15.61
CA ASP B 99 15.17 -10.64 -16.19
C ASP B 99 14.19 -9.58 -16.67
N THR B 100 14.48 -8.32 -16.45
CA THR B 100 13.50 -7.24 -16.72
C THR B 100 13.08 -7.10 -18.20
N LEU B 101 14.04 -6.86 -19.10
CA LEU B 101 13.79 -6.80 -20.56
C LEU B 101 12.99 -8.00 -21.09
N GLU B 102 13.48 -9.19 -20.75
CA GLU B 102 12.85 -10.47 -21.12
C GLU B 102 11.43 -10.56 -20.65
N PHE B 103 11.18 -10.17 -19.39
CA PHE B 103 9.85 -10.23 -18.80
C PHE B 103 8.89 -9.27 -19.50
N LEU B 104 9.33 -8.04 -19.72
CA LEU B 104 8.47 -7.03 -20.30
C LEU B 104 8.12 -7.38 -21.74
N GLU B 105 9.17 -7.72 -22.51
CA GLU B 105 9.01 -8.24 -23.90
C GLU B 105 8.09 -9.47 -23.97
N GLY B 106 8.26 -10.42 -23.07
CA GLY B 106 7.38 -11.58 -23.03
C GLY B 106 5.94 -11.29 -22.77
N LEU B 107 5.66 -10.33 -21.88
CA LEU B 107 4.29 -9.98 -21.57
C LEU B 107 3.66 -9.29 -22.78
N LYS B 108 4.38 -8.32 -23.32
CA LYS B 108 3.95 -7.54 -24.46
C LYS B 108 3.67 -8.44 -25.66
N SER B 109 4.56 -9.36 -25.92
CA SER B 109 4.41 -10.12 -27.14
C SER B 109 3.42 -11.28 -26.92
N ASN B 110 2.88 -11.44 -25.71
CA ASN B 110 1.83 -12.41 -25.43
C ASN B 110 0.49 -11.72 -25.14
N GLY B 111 0.40 -10.45 -25.52
CA GLY B 111 -0.87 -9.77 -25.61
C GLY B 111 -1.31 -8.94 -24.43
N TYR B 112 -0.44 -8.76 -23.44
CA TYR B 112 -0.78 -7.98 -22.27
C TYR B 112 -0.56 -6.53 -22.60
N LYS B 113 -1.42 -5.64 -22.13
CA LYS B 113 -1.07 -4.23 -22.08
C LYS B 113 -0.32 -3.94 -20.76
N LEU B 114 0.64 -3.00 -20.79
CA LEU B 114 1.51 -2.75 -19.65
C LEU B 114 1.49 -1.31 -19.23
N ALA B 115 1.39 -1.12 -17.91
CA ALA B 115 1.50 0.17 -17.26
C ALA B 115 2.63 0.16 -16.24
N LEU B 116 3.34 1.27 -16.18
CA LEU B 116 4.31 1.47 -15.15
C LEU B 116 3.73 2.40 -14.04
N VAL B 117 3.89 1.95 -12.80
CA VAL B 117 3.39 2.68 -11.67
C VAL B 117 4.59 3.10 -10.84
N SER B 118 4.86 4.40 -10.77
CA SER B 118 5.92 4.89 -9.92
C SER B 118 5.82 6.39 -9.60
N ASN B 119 6.81 6.91 -8.85
CA ASN B 119 6.89 8.34 -8.49
C ASN B 119 7.96 9.10 -9.23
N ALA B 120 8.72 9.92 -8.48
CA ALA B 120 9.75 10.90 -8.94
C ALA B 120 10.04 10.92 -10.44
N SER B 121 9.19 11.59 -11.22
CA SER B 121 9.25 11.31 -12.67
C SER B 121 10.50 11.78 -13.47
N PRO B 122 11.17 12.91 -13.06
CA PRO B 122 12.41 13.20 -13.81
C PRO B 122 13.44 12.03 -13.72
N ARG B 123 13.82 11.66 -12.50
CA ARG B 123 14.63 10.44 -12.22
C ARG B 123 14.19 9.25 -13.08
N VAL B 124 12.90 8.92 -12.99
CA VAL B 124 12.38 7.70 -13.56
C VAL B 124 12.42 7.74 -15.07
N LYS B 125 12.07 8.90 -15.64
CA LYS B 125 12.10 9.10 -17.11
C LYS B 125 13.51 8.92 -17.64
N THR B 126 14.45 9.61 -17.01
CA THR B 126 15.89 9.44 -17.32
C THR B 126 16.21 7.95 -17.40
N LEU B 127 15.80 7.20 -16.37
CA LEU B 127 16.19 5.78 -16.24
C LEU B 127 15.46 4.90 -17.21
N LEU B 128 14.18 5.18 -17.42
CA LEU B 128 13.41 4.54 -18.53
C LEU B 128 14.14 4.69 -19.90
N GLU B 129 14.61 5.90 -20.16
CA GLU B 129 15.44 6.21 -21.36
C GLU B 129 16.71 5.40 -21.31
N LYS B 130 17.45 5.58 -20.22
CA LYS B 130 18.71 4.88 -20.05
C LYS B 130 18.62 3.37 -20.32
N PHE B 131 17.65 2.67 -19.74
CA PHE B 131 17.60 1.22 -19.89
C PHE B 131 16.69 0.77 -21.01
N ASP B 132 16.13 1.74 -21.72
CA ASP B 132 15.35 1.46 -22.91
C ASP B 132 14.10 0.67 -22.54
N LEU B 133 13.41 1.15 -21.51
CA LEU B 133 12.24 0.45 -20.97
C LEU B 133 10.93 1.05 -21.46
N LYS B 134 10.99 2.33 -21.74
CA LYS B 134 9.84 3.09 -22.18
C LYS B 134 8.97 2.47 -23.27
N LYS B 135 9.59 1.87 -24.28
CA LYS B 135 8.87 1.32 -25.42
C LYS B 135 7.89 0.18 -25.05
N TYR B 136 8.05 -0.41 -23.89
CA TYR B 136 7.15 -1.49 -23.52
C TYR B 136 5.81 -1.05 -22.93
N PHE B 137 5.67 0.18 -22.49
CA PHE B 137 4.53 0.58 -21.72
C PHE B 137 3.42 1.25 -22.54
N ASP B 138 2.20 0.76 -22.43
CA ASP B 138 1.06 1.50 -22.91
C ASP B 138 0.65 2.66 -22.02
N ALA B 139 1.09 2.69 -20.77
CA ALA B 139 0.74 3.84 -19.92
C ALA B 139 1.80 3.95 -18.87
N LEU B 140 2.09 5.20 -18.50
CA LEU B 140 2.96 5.57 -17.39
C LEU B 140 2.09 6.28 -16.36
N ALA B 141 2.05 5.75 -15.14
CA ALA B 141 1.35 6.37 -14.03
C ALA B 141 2.45 6.89 -13.13
N LEU B 142 3.12 7.94 -13.59
CA LEU B 142 4.18 8.59 -12.81
C LEU B 142 3.58 9.74 -11.97
N PRO B 153 -1.23 9.03 -6.24
CA PRO B 153 -2.18 9.99 -6.88
C PRO B 153 -3.18 9.37 -7.89
N LYS B 154 -4.20 10.18 -8.23
CA LYS B 154 -5.17 9.85 -9.29
C LYS B 154 -4.63 9.29 -10.65
N ILE B 155 -3.38 9.64 -11.03
CA ILE B 155 -2.85 9.20 -12.35
C ILE B 155 -2.94 7.67 -12.48
N PHE B 156 -2.67 6.99 -11.37
CA PHE B 156 -2.67 5.55 -11.29
C PHE B 156 -4.02 4.93 -11.74
N GLY B 157 -5.12 5.54 -11.38
CA GLY B 157 -6.39 5.07 -11.94
C GLY B 157 -6.61 5.43 -13.39
N PHE B 158 -5.94 6.44 -13.89
CA PHE B 158 -6.12 6.74 -15.30
C PHE B 158 -5.35 5.73 -16.17
N ALA B 159 -4.14 5.38 -15.73
CA ALA B 159 -3.37 4.29 -16.32
C ALA B 159 -4.19 3.01 -16.44
N LEU B 160 -4.86 2.67 -15.34
CA LEU B 160 -5.67 1.47 -15.25
C LEU B 160 -6.75 1.46 -16.26
N ALA B 161 -7.48 2.56 -16.38
CA ALA B 161 -8.58 2.61 -17.36
C ALA B 161 -8.03 2.42 -18.79
N LYS B 162 -6.91 3.07 -19.09
CA LYS B 162 -6.25 2.98 -20.39
C LYS B 162 -5.84 1.54 -20.74
N VAL B 163 -5.21 0.79 -19.83
CA VAL B 163 -4.72 -0.52 -20.18
C VAL B 163 -5.77 -1.63 -20.03
N GLY B 164 -6.90 -1.29 -19.41
CA GLY B 164 -7.96 -2.25 -19.21
C GLY B 164 -7.81 -3.15 -17.98
N TYR B 165 -8.90 -3.80 -17.61
CA TYR B 165 -8.92 -4.62 -16.42
C TYR B 165 -9.82 -5.82 -16.72
N PRO B 166 -9.74 -6.89 -15.91
CA PRO B 166 -8.93 -7.05 -14.71
C PRO B 166 -7.43 -6.97 -15.08
N ALA B 167 -6.66 -6.45 -14.16
CA ALA B 167 -5.25 -6.33 -14.37
C ALA B 167 -4.52 -6.99 -13.18
N VAL B 168 -3.22 -7.23 -13.33
CA VAL B 168 -2.40 -7.87 -12.30
C VAL B 168 -1.38 -6.84 -11.97
N HIS B 169 -1.09 -6.68 -10.69
CA HIS B 169 -0.12 -5.71 -10.23
C HIS B 169 1.03 -6.47 -9.65
N VAL B 170 2.17 -6.37 -10.31
CA VAL B 170 3.39 -6.98 -9.84
C VAL B 170 4.17 -5.89 -9.13
N GLY B 171 4.49 -6.12 -7.85
CA GLY B 171 5.15 -5.11 -7.03
C GLY B 171 5.91 -5.69 -5.87
N ASP B 172 6.83 -4.89 -5.37
CA ASP B 172 7.74 -5.30 -4.28
C ASP B 172 7.03 -4.89 -3.02
N ILE B 173 5.93 -4.16 -3.23
CA ILE B 173 4.85 -3.92 -2.31
C ILE B 173 4.29 -2.46 -2.19
N TYR B 174 3.77 -2.00 -3.33
CA TYR B 174 2.45 -1.35 -3.66
C TYR B 174 1.16 -2.06 -3.09
N GLU B 175 1.24 -3.39 -3.03
CA GLU B 175 0.21 -4.33 -2.61
C GLU B 175 -1.17 -3.96 -3.18
N LEU B 176 -2.23 -4.08 -2.37
CA LEU B 176 -3.64 -4.17 -2.83
C LEU B 176 -4.29 -2.89 -3.30
N ASP B 177 -4.71 -2.84 -4.55
CA ASP B 177 -5.32 -1.63 -5.06
C ASP B 177 -6.81 -1.63 -4.84
N TYR B 178 -7.41 -0.45 -4.90
CA TYR B 178 -8.77 -0.33 -4.44
C TYR B 178 -9.68 0.49 -5.38
N ILE B 179 -9.33 0.51 -6.65
CA ILE B 179 -10.23 0.99 -7.69
C ILE B 179 -11.20 -0.14 -8.05
N GLY B 180 -12.50 0.14 -8.15
CA GLY B 180 -13.43 -0.89 -8.60
C GLY B 180 -14.79 -0.67 -8.06
N ALA B 181 -15.79 -1.29 -8.66
CA ALA B 181 -17.18 -1.06 -8.21
C ALA B 181 -17.63 -2.20 -7.35
N LYS B 182 -17.98 -3.32 -7.94
CA LYS B 182 -18.31 -4.48 -7.11
C LYS B 182 -17.11 -5.19 -6.50
N ARG B 183 -15.94 -5.04 -7.08
CA ARG B 183 -14.84 -5.96 -6.88
C ARG B 183 -13.61 -5.18 -7.23
N SER B 184 -12.48 -5.50 -6.61
CA SER B 184 -11.20 -4.91 -6.98
C SER B 184 -10.87 -5.22 -8.46
N TYR B 185 -10.49 -4.20 -9.23
CA TYR B 185 -10.07 -4.40 -10.63
C TYR B 185 -8.62 -4.88 -10.86
N VAL B 186 -7.89 -5.14 -9.79
CA VAL B 186 -6.47 -5.38 -9.87
C VAL B 186 -6.14 -6.42 -8.83
N ASP B 187 -5.58 -7.56 -9.26
CA ASP B 187 -5.08 -8.57 -8.37
C ASP B 187 -3.55 -8.44 -8.25
N PRO B 188 -3.02 -8.53 -7.03
CA PRO B 188 -1.57 -8.36 -6.85
C PRO B 188 -0.71 -9.61 -6.94
N ILE B 189 0.53 -9.41 -7.32
CA ILE B 189 1.52 -10.42 -7.08
C ILE B 189 2.62 -9.77 -6.29
N LEU B 190 3.01 -10.35 -5.19
CA LEU B 190 4.17 -9.87 -4.45
C LEU B 190 5.46 -10.45 -5.02
N LEU B 191 6.29 -9.57 -5.56
CA LEU B 191 7.61 -9.96 -6.00
C LEU B 191 8.61 -9.57 -4.91
N ASP B 192 9.32 -10.56 -4.38
CA ASP B 192 10.18 -10.37 -3.23
C ASP B 192 11.59 -10.75 -3.61
N ARG B 193 12.34 -9.84 -4.23
CA ARG B 193 13.64 -10.29 -4.78
C ARG B 193 14.66 -10.59 -3.68
N TYR B 194 14.49 -9.99 -2.51
CA TYR B 194 15.57 -9.98 -1.56
C TYR B 194 15.23 -10.76 -0.29
N ASP B 195 14.20 -11.61 -0.38
CA ASP B 195 13.82 -12.54 0.67
C ASP B 195 13.48 -11.81 1.96
N PHE B 196 12.66 -10.77 1.81
CA PHE B 196 12.26 -9.93 2.88
C PHE B 196 10.87 -10.30 3.48
N TYR B 197 10.09 -11.08 2.74
CA TYR B 197 8.75 -11.44 3.15
C TYR B 197 8.59 -12.94 3.26
N PRO B 198 9.33 -13.57 4.16
CA PRO B 198 9.20 -15.02 4.19
C PRO B 198 7.82 -15.46 4.74
N ASP B 199 7.04 -14.58 5.35
CA ASP B 199 5.71 -15.00 5.87
C ASP B 199 4.53 -14.79 4.91
N VAL B 200 4.78 -14.23 3.71
CA VAL B 200 3.80 -14.22 2.60
C VAL B 200 4.19 -15.35 1.65
N ARG B 201 3.35 -16.37 1.51
CA ARG B 201 3.59 -17.33 0.40
C ARG B 201 2.61 -17.00 -0.72
N ASP B 202 2.78 -17.63 -1.87
CA ASP B 202 2.16 -17.10 -3.09
C ASP B 202 3.08 -16.00 -3.63
N ARG B 203 4.12 -15.61 -2.87
CA ARG B 203 5.07 -14.60 -3.36
C ARG B 203 5.99 -15.18 -4.44
N VAL B 204 6.63 -14.34 -5.24
CA VAL B 204 7.57 -14.84 -6.22
C VAL B 204 8.92 -14.23 -5.98
N LYS B 205 9.98 -14.91 -6.40
CA LYS B 205 11.30 -14.32 -6.21
C LYS B 205 11.99 -13.70 -7.46
N ASN B 206 11.38 -13.84 -8.64
CA ASN B 206 11.94 -13.65 -10.00
C ASN B 206 10.85 -13.08 -10.80
N LEU B 207 11.18 -12.48 -11.93
CA LEU B 207 10.20 -12.19 -12.95
C LEU B 207 9.85 -13.44 -13.79
N ARG B 208 10.70 -14.48 -13.74
CA ARG B 208 10.33 -15.78 -14.30
C ARG B 208 9.18 -16.40 -13.54
N GLU B 209 9.36 -16.57 -12.22
CA GLU B 209 8.26 -16.95 -11.32
C GLU B 209 7.08 -16.01 -11.48
N ALA B 210 7.34 -14.70 -11.58
CA ALA B 210 6.24 -13.75 -11.76
C ALA B 210 5.47 -14.07 -13.03
N LEU B 211 6.18 -14.30 -14.14
CA LEU B 211 5.54 -14.62 -15.39
C LEU B 211 4.73 -15.92 -15.29
N GLN B 212 5.29 -16.94 -14.64
CA GLN B 212 4.55 -18.19 -14.52
C GLN B 212 3.33 -18.06 -13.67
N LYS B 213 3.39 -17.24 -12.62
CA LYS B 213 2.21 -17.00 -11.80
C LYS B 213 1.14 -16.24 -12.62
N ILE B 214 1.57 -15.23 -13.38
CA ILE B 214 0.65 -14.55 -14.29
C ILE B 214 -0.08 -15.58 -15.19
N GLU B 215 0.65 -16.57 -15.66
CA GLU B 215 0.05 -17.47 -16.63
C GLU B 215 -0.92 -18.42 -15.96
N GLU B 216 -0.59 -18.84 -14.74
CA GLU B 216 -1.47 -19.62 -13.90
C GLU B 216 -2.77 -18.83 -13.69
N ASN B 218 -4.44 -16.78 -15.33
CA ASN B 218 -5.51 -17.02 -16.27
C ASN B 218 -5.39 -18.23 -17.14
#